data_3KYK
#
_entry.id   3KYK
#
_cell.length_a   90.632
_cell.length_b   90.632
_cell.length_c   215.041
_cell.angle_alpha   90.000
_cell.angle_beta   90.000
_cell.angle_gamma   120.000
#
_symmetry.space_group_name_H-M   'P 65 2 2'
#
loop_
_entity.id
_entity.type
_entity.pdbx_description
1 polymer 'Heavy Chain Li33 IgG1'
2 polymer 'Light Chain Li33 IgG1'
3 non-polymer 'SULFATE ION'
4 water water
#
loop_
_entity_poly.entity_id
_entity_poly.type
_entity_poly.pdbx_seq_one_letter_code
_entity_poly.pdbx_strand_id
1 'polypeptide(L)'
;EVQLLESGGGLVQPGGSLRLSCAASGFTFSIYPMFWVRQAPGKGLEWVSWIGPSGGITKYADSVKGRFTISRDNSKNTLY
LQMNSLRAEDTATYYCAREGHNDWYFDLWGRGTLVTVSSASTKGPSVFPLAPSSKSTSGGTAALGCLVKDYFPEPVTVSW
NSGALTSGVHTFPAVLQSSGLYSLSSVVTVPSSSLGTQTYICNVNHKPSNTKVDKKVEPKSCDKTHT
;
H
2 'polypeptide(L)'
;DIQMTQSPGTLSLSPGERATLSCRASQSVSSYLAWYQQKPGQAPRLLIYDASNRATGIPARFSGSGSGTEFTLTISSLQS
EDFAVYYCQQYDKWPLTFGGGTKVEIKRTVAAPSVFIFPPSDEQLKSGTASVVCLLNNFYPREAKVQWKVDNALQSGNSQ
ESVTEQDSKDSTYSLSSTLTLSKADYEKHKVYACEVTHQGLSSPVTKSFNRGEC
;
L
#
loop_
_chem_comp.id
_chem_comp.type
_chem_comp.name
_chem_comp.formula
SO4 non-polymer 'SULFATE ION' 'O4 S -2'
#
# COMPACT_ATOMS: atom_id res chain seq x y z
N GLU A 1 15.08 -11.68 -14.32
CA GLU A 1 14.81 -12.68 -13.24
C GLU A 1 15.91 -12.72 -12.15
N VAL A 2 16.13 -11.56 -11.55
CA VAL A 2 17.01 -11.36 -10.42
C VAL A 2 16.09 -10.77 -9.38
N GLN A 3 16.10 -11.34 -8.19
CA GLN A 3 15.19 -10.84 -7.12
C GLN A 3 15.74 -11.17 -5.75
N LEU A 4 15.46 -10.29 -4.79
CA LEU A 4 15.74 -10.52 -3.37
C LEU A 4 14.41 -10.91 -2.73
N LEU A 5 14.44 -11.82 -1.76
CA LEU A 5 13.23 -12.35 -1.13
C LEU A 5 13.32 -12.42 0.38
N GLU A 6 12.69 -11.39 0.91
CA GLU A 6 12.64 -11.17 2.33
C GLU A 6 11.51 -11.93 2.93
N SER A 7 11.69 -12.32 4.19
CA SER A 7 10.68 -13.04 4.95
C SER A 7 11.21 -12.95 6.38
N GLY A 8 10.33 -12.99 7.37
CA GLY A 8 10.73 -12.89 8.78
C GLY A 8 10.16 -11.66 9.51
N GLY A 9 8.95 -11.22 9.12
CA GLY A 9 8.34 -10.02 9.62
C GLY A 9 7.23 -10.47 10.48
N GLY A 10 6.49 -9.46 10.87
CA GLY A 10 5.33 -9.68 11.74
C GLY A 10 5.43 -8.93 13.03
N LEU A 11 4.79 -9.48 14.06
CA LEU A 11 4.57 -8.76 15.29
C LEU A 11 5.73 -9.00 16.31
N VAL A 12 6.27 -7.93 16.94
CA VAL A 12 7.24 -8.12 18.10
C VAL A 12 7.00 -7.27 19.29
N GLN A 13 6.92 -7.95 20.42
CA GLN A 13 7.01 -7.36 21.72
C GLN A 13 8.04 -6.29 21.68
N PRO A 14 7.79 -5.17 22.37
CA PRO A 14 8.78 -4.18 22.72
C PRO A 14 9.80 -4.73 23.70
N GLY A 15 11.06 -4.44 23.39
CA GLY A 15 12.17 -5.01 24.15
C GLY A 15 12.76 -6.21 23.44
N GLY A 16 11.93 -6.90 22.68
CA GLY A 16 12.41 -8.05 21.96
C GLY A 16 13.35 -7.80 20.79
N SER A 17 13.39 -8.81 19.94
CA SER A 17 14.39 -9.01 18.90
C SER A 17 13.75 -9.86 17.81
N LEU A 18 14.27 -9.76 16.59
CA LEU A 18 13.63 -10.42 15.43
C LEU A 18 14.63 -10.29 14.28
N ARG A 19 14.64 -11.24 13.34
CA ARG A 19 15.57 -11.15 12.20
C ARG A 19 14.93 -11.49 10.89
N LEU A 20 15.43 -10.89 9.83
CA LEU A 20 14.86 -11.11 8.55
C LEU A 20 15.98 -11.46 7.59
N SER A 21 15.60 -12.14 6.52
CA SER A 21 16.54 -12.58 5.53
C SER A 21 16.11 -11.94 4.22
N CYS A 22 17.08 -11.62 3.38
CA CYS A 22 16.82 -11.09 2.07
C CYS A 22 17.46 -12.07 1.15
N ALA A 23 16.96 -13.31 1.09
CA ALA A 23 17.58 -14.35 0.20
C ALA A 23 17.66 -13.94 -1.31
N ALA A 24 18.80 -14.11 -1.98
CA ALA A 24 18.87 -13.56 -3.30
C ALA A 24 19.24 -14.55 -4.39
N SER A 25 18.33 -14.67 -5.36
CA SER A 25 18.36 -15.64 -6.43
C SER A 25 19.15 -15.28 -7.72
N GLY A 26 18.99 -14.11 -8.33
CA GLY A 26 19.42 -14.02 -9.75
C GLY A 26 20.91 -13.88 -10.17
N PHE A 27 21.77 -13.51 -9.23
CA PHE A 27 23.04 -12.91 -9.58
C PHE A 27 24.07 -13.54 -8.69
N THR A 28 25.32 -13.17 -8.88
CA THR A 28 26.38 -13.61 -8.01
C THR A 28 26.36 -12.80 -6.70
N PHE A 29 25.53 -13.21 -5.75
CA PHE A 29 25.35 -12.49 -4.50
C PHE A 29 26.69 -12.11 -3.85
N SER A 30 27.60 -13.07 -3.86
CA SER A 30 28.77 -13.06 -3.00
C SER A 30 29.68 -11.88 -3.21
N ILE A 31 29.50 -11.19 -4.32
CA ILE A 31 30.44 -10.12 -4.69
C ILE A 31 29.79 -8.76 -4.48
N TYR A 32 28.52 -8.76 -4.06
CA TYR A 32 27.72 -7.55 -3.98
C TYR A 32 27.55 -7.03 -2.55
N PRO A 33 28.03 -5.80 -2.33
CA PRO A 33 27.58 -5.07 -1.17
C PRO A 33 26.06 -4.86 -1.24
N MET A 34 25.53 -5.11 -0.05
CA MET A 34 24.12 -5.23 0.25
C MET A 34 23.89 -4.25 1.31
N PHE A 35 22.63 -3.92 1.48
CA PHE A 35 22.28 -3.00 2.51
C PHE A 35 20.79 -3.13 2.93
N TRP A 36 20.39 -2.56 4.06
CA TRP A 36 19.01 -2.68 4.58
C TRP A 36 18.45 -1.32 4.79
N VAL A 37 17.18 -1.19 4.38
CA VAL A 37 16.47 0.10 4.37
C VAL A 37 15.01 -0.03 4.70
N ARG A 38 14.73 0.73 5.73
CA ARG A 38 13.43 0.77 6.33
C ARG A 38 12.66 2.06 6.03
N GLN A 39 11.39 2.09 6.43
CA GLN A 39 10.54 3.20 6.13
C GLN A 39 9.34 3.07 7.00
N ALA A 40 9.23 3.96 7.97
CA ALA A 40 8.11 3.96 8.92
C ALA A 40 6.86 4.52 8.22
N PRO A 41 5.65 4.11 8.65
CA PRO A 41 4.56 4.55 7.78
C PRO A 41 4.23 5.99 8.12
N GLY A 42 3.91 6.75 7.07
CA GLY A 42 3.77 8.22 7.15
C GLY A 42 5.13 8.90 7.28
N LYS A 43 6.11 8.29 6.63
CA LYS A 43 7.45 8.84 6.54
C LYS A 43 8.16 8.13 5.39
N GLY A 44 9.35 8.61 5.05
CA GLY A 44 10.09 8.01 3.93
C GLY A 44 11.29 7.18 4.33
N LEU A 45 12.19 7.11 3.36
CA LEU A 45 13.28 6.16 3.38
C LEU A 45 14.47 6.58 4.23
N GLU A 46 14.98 5.60 4.96
CA GLU A 46 16.09 5.74 5.87
C GLU A 46 16.97 4.55 5.71
N TRP A 47 18.25 4.76 5.42
CA TRP A 47 19.13 3.63 5.47
C TRP A 47 19.18 3.09 6.92
N VAL A 48 19.44 1.78 7.05
CA VAL A 48 19.63 1.15 8.34
C VAL A 48 21.05 0.66 8.55
N SER A 49 21.61 -0.03 7.57
CA SER A 49 22.99 -0.47 7.66
C SER A 49 23.42 -1.07 6.33
N TRP A 50 24.72 -1.28 6.20
CA TRP A 50 25.34 -1.67 4.93
C TRP A 50 26.40 -2.68 5.29
N ILE A 51 26.63 -3.63 4.39
CA ILE A 51 27.63 -4.65 4.67
C ILE A 51 28.49 -4.82 3.42
N GLY A 52 29.77 -5.14 3.62
CA GLY A 52 30.65 -5.42 2.50
C GLY A 52 30.36 -6.75 1.83
N PRO A 53 30.83 -6.93 0.61
CA PRO A 53 30.75 -8.22 -0.09
C PRO A 53 31.53 -9.19 0.71
N SER A 54 32.70 -8.67 1.16
CA SER A 54 33.66 -9.28 2.13
C SER A 54 32.81 -10.00 3.20
N GLY A 55 31.67 -9.39 3.54
CA GLY A 55 30.99 -9.78 4.76
C GLY A 55 31.66 -9.07 5.94
N GLY A 56 32.90 -8.62 5.74
CA GLY A 56 33.72 -8.19 6.84
C GLY A 56 33.66 -6.72 7.14
N ILE A 57 32.81 -5.96 6.47
CA ILE A 57 32.74 -4.55 6.88
C ILE A 57 31.28 -4.17 7.00
N THR A 58 30.91 -3.59 8.11
CA THR A 58 29.56 -3.22 8.30
C THR A 58 29.55 -1.74 8.65
N LYS A 59 28.44 -1.06 8.34
CA LYS A 59 28.19 0.28 8.85
C LYS A 59 26.75 0.39 9.34
N TYR A 60 26.45 1.37 10.19
CA TYR A 60 25.17 1.40 10.92
C TYR A 60 24.59 2.80 11.11
N ALA A 61 23.32 2.96 10.80
CA ALA A 61 22.61 4.15 11.15
C ALA A 61 22.71 4.38 12.67
N ASP A 62 22.76 5.64 13.07
CA ASP A 62 22.88 5.97 14.46
C ASP A 62 21.67 5.66 15.34
N SER A 63 20.52 5.33 14.73
CA SER A 63 19.32 4.89 15.50
C SER A 63 19.47 3.43 15.94
N VAL A 64 20.20 2.66 15.14
CA VAL A 64 20.29 1.22 15.34
C VAL A 64 21.68 0.72 15.68
N LYS A 65 22.66 1.62 15.71
CA LYS A 65 24.03 1.21 16.03
C LYS A 65 24.05 0.53 17.41
N GLY A 66 24.86 -0.53 17.52
CA GLY A 66 25.00 -1.31 18.74
C GLY A 66 23.83 -2.17 19.14
N ARG A 67 22.77 -2.10 18.33
CA ARG A 67 21.50 -2.80 18.62
C ARG A 67 21.08 -3.80 17.51
N PHE A 68 21.42 -3.47 16.27
CA PHE A 68 21.21 -4.29 15.11
C PHE A 68 22.50 -4.81 14.49
N THR A 69 22.48 -6.01 13.90
CA THR A 69 23.63 -6.52 13.16
C THR A 69 23.25 -7.01 11.81
N ILE A 70 23.85 -6.41 10.79
CA ILE A 70 23.67 -6.85 9.43
C ILE A 70 24.65 -7.96 9.27
N SER A 71 24.36 -8.93 8.40
CA SER A 71 25.25 -10.11 8.20
C SER A 71 24.86 -10.90 6.96
N ARG A 72 25.78 -11.68 6.43
CA ARG A 72 25.51 -12.47 5.23
C ARG A 72 26.04 -13.87 5.31
N ASP A 73 25.38 -14.77 4.62
CA ASP A 73 25.91 -16.07 4.30
C ASP A 73 25.98 -16.24 2.77
N ASN A 74 27.19 -16.12 2.23
CA ASN A 74 27.46 -16.26 0.82
C ASN A 74 27.06 -17.64 0.25
N SER A 75 27.46 -18.72 0.89
CA SER A 75 27.11 -20.04 0.40
C SER A 75 25.63 -20.27 0.44
N LYS A 76 24.92 -19.75 1.44
CA LYS A 76 23.45 -19.92 1.51
C LYS A 76 22.76 -18.90 0.65
N ASN A 77 23.54 -18.00 0.06
CA ASN A 77 23.02 -16.81 -0.64
C ASN A 77 22.04 -15.90 0.10
N THR A 78 22.40 -15.51 1.32
CA THR A 78 21.41 -14.83 2.19
C THR A 78 21.93 -13.65 3.02
N LEU A 79 21.05 -12.67 3.19
CA LEU A 79 21.34 -11.47 3.97
C LEU A 79 20.44 -11.49 5.17
N TYR A 80 20.96 -11.13 6.35
CA TYR A 80 20.20 -11.16 7.64
C TYR A 80 20.18 -9.81 8.37
N LEU A 81 19.12 -9.55 9.12
CA LEU A 81 19.08 -8.43 10.08
C LEU A 81 18.63 -8.84 11.48
N GLN A 82 19.59 -9.05 12.37
CA GLN A 82 19.24 -9.42 13.68
C GLN A 82 19.03 -8.08 14.39
N MET A 83 17.79 -7.83 14.77
CA MET A 83 17.45 -6.60 15.42
C MET A 83 17.25 -6.94 16.89
N ASN A 84 17.82 -6.14 17.78
CA ASN A 84 17.58 -6.25 19.20
C ASN A 84 16.88 -5.02 19.77
N SER A 85 16.20 -5.19 20.89
CA SER A 85 15.76 -4.06 21.67
C SER A 85 14.82 -3.15 20.91
N LEU A 86 13.77 -3.73 20.37
CA LEU A 86 12.94 -2.97 19.48
C LEU A 86 11.97 -2.07 20.18
N ARG A 87 11.73 -0.94 19.52
CA ARG A 87 10.88 0.10 20.00
C ARG A 87 9.69 0.25 19.05
N ALA A 88 8.57 0.80 19.52
CA ALA A 88 7.42 1.02 18.65
C ALA A 88 7.77 1.82 17.40
N GLU A 89 8.67 2.79 17.49
CA GLU A 89 9.08 3.52 16.29
C GLU A 89 9.92 2.72 15.29
N ASP A 90 10.52 1.61 15.71
CA ASP A 90 11.12 0.69 14.74
C ASP A 90 10.07 0.09 13.78
N THR A 91 8.78 0.17 14.13
CA THR A 91 7.74 -0.29 13.20
C THR A 91 7.95 0.36 11.82
N ALA A 92 8.17 -0.48 10.82
CA ALA A 92 8.40 0.02 9.48
C ALA A 92 8.38 -1.12 8.51
N THR A 93 8.44 -0.78 7.22
CA THR A 93 8.61 -1.83 6.24
C THR A 93 10.09 -1.83 6.07
N TYR A 94 10.69 -3.01 6.11
CA TYR A 94 12.12 -3.13 5.84
C TYR A 94 12.36 -3.74 4.45
N TYR A 95 13.17 -3.04 3.65
CA TYR A 95 13.60 -3.57 2.38
C TYR A 95 15.06 -3.74 2.51
N CYS A 96 15.52 -4.76 1.82
CA CYS A 96 16.92 -4.86 1.62
C CYS A 96 17.17 -4.53 0.14
N ALA A 97 18.36 -4.05 -0.18
CA ALA A 97 18.64 -3.72 -1.54
C ALA A 97 20.09 -3.97 -1.76
N ARG A 98 20.48 -4.10 -3.03
CA ARG A 98 21.82 -4.49 -3.38
C ARG A 98 22.51 -3.29 -4.01
N GLU A 99 23.82 -3.19 -3.80
CA GLU A 99 24.54 -2.02 -4.26
C GLU A 99 25.06 -2.11 -5.68
N GLY A 100 24.74 -1.12 -6.49
CA GLY A 100 25.23 -1.07 -7.86
C GLY A 100 26.68 -0.72 -7.98
N HIS A 101 27.39 -1.38 -8.89
CA HIS A 101 28.80 -1.19 -9.13
C HIS A 101 28.98 0.30 -9.18
N ASN A 102 30.15 0.84 -8.78
CA ASN A 102 30.46 2.34 -8.82
C ASN A 102 29.68 3.48 -8.01
N ASP A 103 29.18 3.30 -6.81
CA ASP A 103 28.69 2.15 -6.15
C ASP A 103 27.94 3.08 -5.23
N TRP A 104 26.90 2.63 -4.53
CA TRP A 104 26.15 3.54 -3.57
C TRP A 104 24.71 3.98 -3.91
N TYR A 105 24.21 3.62 -5.08
CA TYR A 105 22.82 3.70 -5.32
C TYR A 105 22.42 2.27 -5.21
N PHE A 106 21.12 2.01 -5.16
CA PHE A 106 20.67 0.64 -4.96
C PHE A 106 20.00 0.09 -6.17
N ASP A 107 20.70 -0.89 -6.71
CA ASP A 107 20.53 -1.49 -8.01
C ASP A 107 19.17 -2.15 -8.20
N LEU A 108 18.75 -2.87 -7.15
CA LEU A 108 17.70 -3.86 -7.17
C LEU A 108 17.18 -3.94 -5.72
N TRP A 109 15.86 -4.03 -5.55
CA TRP A 109 15.19 -3.97 -4.22
C TRP A 109 14.29 -5.17 -4.03
N GLY A 110 14.16 -5.69 -2.81
CA GLY A 110 13.15 -6.72 -2.48
C GLY A 110 11.82 -6.04 -2.37
N ARG A 111 10.74 -6.78 -2.03
CA ARG A 111 9.39 -6.15 -1.95
C ARG A 111 9.09 -5.37 -0.63
N GLY A 112 9.82 -5.65 0.43
CA GLY A 112 9.42 -5.11 1.71
C GLY A 112 8.83 -6.21 2.60
N THR A 113 8.92 -5.99 3.92
CA THR A 113 8.31 -6.84 4.91
C THR A 113 8.09 -5.88 6.10
N LEU A 114 6.96 -6.04 6.78
CA LEU A 114 6.48 -5.08 7.74
C LEU A 114 6.74 -5.68 9.09
N VAL A 115 7.45 -4.96 9.95
CA VAL A 115 7.57 -5.40 11.33
C VAL A 115 6.78 -4.39 12.13
N THR A 116 5.85 -4.88 12.94
CA THR A 116 4.94 -4.08 13.72
C THR A 116 5.37 -4.33 15.15
N VAL A 117 5.88 -3.29 15.77
CA VAL A 117 6.41 -3.42 17.13
C VAL A 117 5.39 -3.01 18.21
N SER A 118 4.62 -3.96 18.70
CA SER A 118 3.56 -3.66 19.64
C SER A 118 3.38 -4.74 20.68
N SER A 119 2.95 -4.38 21.87
CA SER A 119 2.77 -5.43 22.87
C SER A 119 1.37 -5.96 22.85
N ALA A 120 0.53 -5.43 21.98
CA ALA A 120 -0.76 -6.05 21.68
C ALA A 120 -0.54 -7.39 21.00
N SER A 121 -1.56 -8.24 21.05
CA SER A 121 -1.46 -9.63 20.60
C SER A 121 -2.07 -9.79 19.25
N THR A 122 -1.74 -10.89 18.62
CA THR A 122 -2.29 -11.13 17.31
C THR A 122 -3.73 -11.56 17.52
N LYS A 123 -4.63 -11.12 16.67
CA LYS A 123 -5.98 -11.60 16.70
C LYS A 123 -6.32 -11.86 15.23
N GLY A 124 -6.75 -13.08 14.95
CA GLY A 124 -7.19 -13.44 13.60
C GLY A 124 -8.49 -12.76 13.21
N PRO A 125 -8.61 -12.45 11.90
CA PRO A 125 -9.69 -11.72 11.25
C PRO A 125 -10.95 -12.55 11.24
N SER A 126 -12.09 -11.89 11.14
CA SER A 126 -13.37 -12.52 10.92
C SER A 126 -13.72 -12.16 9.49
N VAL A 127 -14.14 -13.16 8.72
CA VAL A 127 -14.53 -12.91 7.32
C VAL A 127 -16.05 -13.01 7.10
N PHE A 128 -16.66 -11.90 6.69
CA PHE A 128 -18.11 -11.87 6.48
C PHE A 128 -18.45 -11.60 5.02
N PRO A 129 -19.67 -11.95 4.56
CA PRO A 129 -19.89 -11.85 3.15
C PRO A 129 -20.67 -10.60 2.74
N LEU A 130 -20.12 -9.86 1.81
CA LEU A 130 -20.88 -8.76 1.22
C LEU A 130 -21.55 -9.47 0.08
N ALA A 131 -22.76 -9.97 0.37
CA ALA A 131 -23.61 -10.55 -0.66
C ALA A 131 -23.99 -9.60 -1.81
N PRO A 132 -24.05 -10.11 -3.06
CA PRO A 132 -24.52 -9.30 -4.19
C PRO A 132 -26.00 -9.20 -4.14
N SER A 133 -26.54 -8.05 -4.47
CA SER A 133 -27.90 -7.71 -4.08
C SER A 133 -28.49 -6.85 -5.15
N SER A 134 -29.81 -6.77 -5.14
CA SER A 134 -30.50 -5.89 -6.10
C SER A 134 -29.93 -4.50 -5.87
N LYS A 135 -29.65 -4.15 -4.59
CA LYS A 135 -29.06 -2.87 -4.20
C LYS A 135 -27.53 -2.88 -4.32
N SER A 136 -26.95 -3.91 -4.90
CA SER A 136 -25.47 -3.92 -5.17
C SER A 136 -25.17 -4.13 -6.66
N THR A 137 -26.16 -3.84 -7.48
CA THR A 137 -26.12 -4.23 -8.86
C THR A 137 -26.42 -3.01 -9.67
N SER A 138 -25.73 -3.01 -10.79
CA SER A 138 -25.75 -1.95 -11.79
C SER A 138 -25.61 -2.53 -13.19
N GLY A 139 -26.70 -2.47 -13.94
CA GLY A 139 -26.74 -2.93 -15.32
C GLY A 139 -26.35 -4.37 -15.44
N GLY A 140 -25.45 -4.68 -16.37
CA GLY A 140 -24.99 -6.03 -16.60
C GLY A 140 -23.86 -6.41 -15.68
N THR A 141 -23.80 -5.78 -14.50
CA THR A 141 -22.67 -5.95 -13.61
C THR A 141 -23.13 -5.87 -12.16
N ALA A 142 -22.43 -6.57 -11.27
CA ALA A 142 -22.92 -6.81 -9.92
C ALA A 142 -21.76 -6.76 -9.00
N ALA A 143 -21.95 -6.13 -7.85
CA ALA A 143 -20.86 -6.03 -6.89
C ALA A 143 -20.94 -6.98 -5.68
N LEU A 144 -19.87 -7.72 -5.43
CA LEU A 144 -19.77 -8.44 -4.17
C LEU A 144 -18.37 -8.28 -3.51
N GLY A 145 -18.24 -8.88 -2.32
CA GLY A 145 -17.01 -8.88 -1.52
C GLY A 145 -17.06 -9.59 -0.17
N CYS A 146 -15.94 -9.55 0.54
CA CYS A 146 -15.80 -10.12 1.85
C CYS A 146 -15.41 -9.01 2.73
N LEU A 147 -15.95 -8.92 3.92
CA LEU A 147 -15.52 -7.87 4.84
C LEU A 147 -14.58 -8.51 5.85
N VAL A 148 -13.43 -7.89 6.13
CA VAL A 148 -12.47 -8.54 7.03
C VAL A 148 -12.14 -7.76 8.31
N LYS A 149 -12.96 -7.94 9.35
CA LYS A 149 -12.68 -7.39 10.70
C LYS A 149 -12.27 -8.61 11.40
N ASP A 150 -11.73 -8.55 12.59
CA ASP A 150 -11.03 -7.47 13.20
C ASP A 150 -9.69 -8.20 13.37
N TYR A 151 -8.57 -7.58 13.09
CA TYR A 151 -7.35 -8.37 13.20
C TYR A 151 -6.20 -7.45 13.60
N PHE A 152 -5.15 -8.01 14.17
CA PHE A 152 -3.95 -7.23 14.39
C PHE A 152 -2.79 -8.22 14.23
N PRO A 153 -1.70 -7.85 13.49
CA PRO A 153 -1.14 -6.66 12.80
C PRO A 153 -1.59 -6.35 11.36
N GLU A 154 -0.90 -5.39 10.74
CA GLU A 154 -1.50 -4.55 9.68
C GLU A 154 -1.67 -5.20 8.33
N PRO A 155 -0.87 -6.32 8.05
CA PRO A 155 -0.82 -7.11 6.72
C PRO A 155 -1.72 -8.37 6.57
N VAL A 156 -2.72 -8.30 5.69
CA VAL A 156 -3.62 -9.45 5.41
C VAL A 156 -3.59 -9.60 3.90
N THR A 157 -4.04 -10.73 3.34
CA THR A 157 -4.10 -10.81 1.88
C THR A 157 -5.32 -11.52 1.36
N VAL A 158 -5.99 -10.88 0.43
CA VAL A 158 -7.22 -11.40 -0.12
C VAL A 158 -7.10 -11.62 -1.65
N SER A 159 -7.47 -12.80 -2.14
CA SER A 159 -7.46 -13.02 -3.56
C SER A 159 -8.77 -13.67 -3.87
N TRP A 160 -9.17 -13.63 -5.13
CA TRP A 160 -10.49 -14.17 -5.46
C TRP A 160 -10.48 -15.47 -6.21
N ASN A 161 -11.30 -16.41 -5.78
CA ASN A 161 -11.31 -17.73 -6.39
C ASN A 161 -9.88 -18.27 -6.57
N SER A 162 -9.08 -18.12 -5.52
CA SER A 162 -7.74 -18.70 -5.44
C SER A 162 -6.82 -18.07 -6.44
N GLY A 163 -7.07 -16.81 -6.80
CA GLY A 163 -6.23 -16.15 -7.81
C GLY A 163 -6.72 -16.35 -9.24
N ALA A 164 -7.72 -17.22 -9.42
CA ALA A 164 -8.41 -17.31 -10.73
C ALA A 164 -9.05 -15.97 -11.20
N LEU A 165 -9.72 -15.25 -10.30
CA LEU A 165 -10.27 -13.93 -10.58
C LEU A 165 -9.37 -12.82 -10.05
N THR A 166 -8.93 -11.93 -10.92
CA THR A 166 -7.94 -10.95 -10.52
C THR A 166 -8.30 -9.50 -10.88
N SER A 167 -9.20 -9.31 -11.83
CA SER A 167 -9.65 -7.96 -12.14
C SER A 167 -11.15 -7.76 -11.90
N GLY A 168 -11.54 -6.49 -11.82
CA GLY A 168 -12.83 -6.08 -11.29
C GLY A 168 -12.62 -5.85 -9.80
N VAL A 169 -11.55 -6.46 -9.27
CA VAL A 169 -11.25 -6.45 -7.86
C VAL A 169 -10.72 -5.11 -7.45
N HIS A 170 -11.09 -4.68 -6.24
CA HIS A 170 -10.38 -3.68 -5.42
C HIS A 170 -10.39 -4.21 -4.00
N THR A 171 -9.23 -4.42 -3.41
CA THR A 171 -9.22 -4.71 -1.99
C THR A 171 -8.63 -3.58 -1.13
N PHE A 172 -9.52 -2.80 -0.52
CA PHE A 172 -9.20 -1.56 0.24
C PHE A 172 -8.23 -1.61 1.39
N PRO A 173 -7.47 -0.51 1.58
CA PRO A 173 -6.66 -0.32 2.83
C PRO A 173 -7.43 -0.54 4.15
N ALA A 174 -6.84 -1.30 5.07
CA ALA A 174 -7.43 -1.42 6.41
C ALA A 174 -7.67 -0.07 7.08
N VAL A 175 -8.55 -0.05 8.07
CA VAL A 175 -8.66 1.12 8.93
C VAL A 175 -8.56 0.65 10.35
N LEU A 176 -7.95 1.48 11.20
CA LEU A 176 -7.65 1.10 12.58
C LEU A 176 -8.85 1.36 13.44
N GLN A 177 -9.66 0.33 13.60
CA GLN A 177 -10.76 0.33 14.54
C GLN A 177 -10.35 1.10 15.77
N SER A 178 -11.30 1.89 16.25
CA SER A 178 -11.23 2.42 17.58
C SER A 178 -10.89 1.39 18.64
N SER A 179 -11.35 0.14 18.45
CA SER A 179 -10.84 -1.04 19.18
C SER A 179 -9.34 -0.88 19.36
N GLY A 180 -8.65 -1.10 18.25
CA GLY A 180 -7.21 -1.08 18.18
C GLY A 180 -6.90 -2.23 17.27
N LEU A 181 -7.98 -2.84 16.75
CA LEU A 181 -7.93 -3.84 15.68
C LEU A 181 -8.15 -3.27 14.23
N TYR A 182 -8.11 -4.12 13.22
CA TYR A 182 -8.25 -3.66 11.85
C TYR A 182 -9.47 -4.25 11.13
N SER A 183 -9.80 -3.69 9.98
CA SER A 183 -10.93 -4.19 9.25
C SER A 183 -10.76 -3.70 7.83
N LEU A 184 -11.03 -4.57 6.84
CA LEU A 184 -10.95 -4.18 5.44
C LEU A 184 -11.97 -4.86 4.58
N SER A 185 -12.35 -4.20 3.50
CA SER A 185 -13.19 -4.87 2.53
C SER A 185 -12.39 -5.22 1.25
N SER A 186 -12.82 -6.29 0.61
CA SER A 186 -12.34 -6.62 -0.69
C SER A 186 -13.57 -6.79 -1.51
N VAL A 187 -13.50 -6.45 -2.78
CA VAL A 187 -14.69 -6.28 -3.57
C VAL A 187 -14.39 -6.59 -5.04
N VAL A 188 -15.25 -7.34 -5.69
CA VAL A 188 -15.07 -7.56 -7.12
C VAL A 188 -16.40 -7.32 -7.85
N THR A 189 -16.29 -6.61 -8.96
CA THR A 189 -17.40 -6.46 -9.86
C THR A 189 -17.35 -7.49 -10.99
N VAL A 190 -18.39 -8.32 -11.01
CA VAL A 190 -18.48 -9.41 -11.92
C VAL A 190 -19.73 -9.25 -12.79
N PRO A 191 -19.67 -9.75 -14.05
CA PRO A 191 -20.81 -10.05 -14.94
C PRO A 191 -22.10 -10.51 -14.22
N SER A 192 -23.13 -9.66 -14.31
CA SER A 192 -24.47 -9.93 -13.77
C SER A 192 -24.87 -11.38 -13.90
N SER A 193 -25.01 -11.81 -15.15
CA SER A 193 -25.52 -13.13 -15.55
C SER A 193 -24.92 -14.29 -14.79
N SER A 194 -23.60 -14.24 -14.63
CA SER A 194 -22.82 -15.27 -13.90
C SER A 194 -23.23 -15.52 -12.44
N LEU A 195 -23.97 -14.60 -11.84
CA LEU A 195 -24.40 -14.72 -10.46
C LEU A 195 -25.02 -16.09 -10.15
N GLY A 196 -25.64 -16.69 -11.17
CA GLY A 196 -26.29 -18.01 -11.04
C GLY A 196 -25.39 -19.19 -11.33
N THR A 197 -24.71 -19.15 -12.48
CA THR A 197 -23.77 -20.20 -12.95
C THR A 197 -22.46 -20.29 -12.13
N GLN A 198 -21.52 -19.35 -12.39
CA GLN A 198 -20.27 -19.12 -11.60
C GLN A 198 -20.38 -18.97 -10.06
N THR A 199 -19.35 -19.41 -9.32
CA THR A 199 -19.38 -19.24 -7.84
C THR A 199 -18.15 -18.56 -7.26
N TYR A 200 -18.37 -17.57 -6.41
CA TYR A 200 -17.27 -16.75 -5.94
C TYR A 200 -16.83 -17.01 -4.48
N ILE A 201 -15.53 -17.26 -4.38
CA ILE A 201 -14.85 -17.61 -3.14
C ILE A 201 -13.72 -16.61 -2.94
N CYS A 202 -13.77 -15.88 -1.82
CA CYS A 202 -12.67 -15.04 -1.47
C CYS A 202 -11.74 -15.82 -0.53
N ASN A 203 -10.44 -15.72 -0.73
CA ASN A 203 -9.49 -16.42 0.12
C ASN A 203 -8.65 -15.38 0.89
N VAL A 204 -9.00 -15.22 2.15
CA VAL A 204 -8.26 -14.38 3.09
C VAL A 204 -7.10 -15.16 3.71
N ASN A 205 -5.96 -14.50 3.79
CA ASN A 205 -4.80 -15.11 4.37
C ASN A 205 -4.12 -14.05 5.23
N HIS A 206 -4.10 -14.34 6.53
CA HIS A 206 -3.45 -13.54 7.56
C HIS A 206 -2.43 -14.46 8.20
N LYS A 207 -1.14 -14.15 8.08
CA LYS A 207 -0.07 -15.03 8.55
C LYS A 207 0.30 -14.88 10.04
N PRO A 208 0.21 -13.65 10.60
CA PRO A 208 0.60 -13.48 12.00
C PRO A 208 -0.06 -14.41 12.96
N SER A 209 -1.36 -14.65 12.78
CA SER A 209 -2.06 -15.76 13.43
C SER A 209 -2.21 -16.63 12.21
N ASN A 210 -1.83 -17.90 12.21
CA ASN A 210 -2.10 -18.60 10.96
C ASN A 210 -3.56 -18.68 10.94
N THR A 211 -4.20 -17.76 10.24
CA THR A 211 -5.62 -17.81 10.10
C THR A 211 -5.70 -17.78 8.64
N LYS A 212 -6.15 -18.88 8.07
CA LYS A 212 -6.56 -18.84 6.69
C LYS A 212 -8.02 -19.28 6.65
N VAL A 213 -8.73 -18.74 5.66
CA VAL A 213 -10.18 -18.90 5.52
C VAL A 213 -10.63 -18.53 4.11
N ASP A 214 -11.50 -19.39 3.55
CA ASP A 214 -12.32 -19.06 2.37
C ASP A 214 -13.76 -18.65 2.77
N LYS A 215 -14.48 -18.04 1.84
CA LYS A 215 -15.83 -17.52 2.08
C LYS A 215 -16.52 -17.65 0.73
N LYS A 216 -17.49 -18.57 0.64
CA LYS A 216 -18.32 -18.63 -0.55
C LYS A 216 -19.26 -17.43 -0.46
N VAL A 217 -19.07 -16.43 -1.32
CA VAL A 217 -20.08 -15.38 -1.47
C VAL A 217 -21.16 -15.83 -2.50
N GLU A 218 -22.41 -15.67 -2.10
CA GLU A 218 -23.53 -16.06 -2.93
C GLU A 218 -24.65 -15.07 -2.76
N PRO A 219 -25.43 -14.87 -3.80
CA PRO A 219 -26.33 -13.73 -3.90
C PRO A 219 -27.47 -13.73 -2.92
N LYS A 220 -28.13 -12.58 -2.75
CA LYS A 220 -29.40 -12.47 -2.05
C LYS A 220 -29.35 -11.28 -1.15
N ASP B 1 24.47 15.93 7.56
CA ASP B 1 23.99 14.89 6.62
C ASP B 1 23.25 15.55 5.49
N ILE B 2 23.88 15.56 4.34
CA ILE B 2 23.30 16.24 3.25
C ILE B 2 21.83 15.90 3.31
N GLN B 3 21.03 16.89 3.60
CA GLN B 3 19.63 16.62 3.68
C GLN B 3 18.96 17.13 2.40
N MET B 4 18.18 16.22 1.80
CA MET B 4 17.60 16.31 0.47
C MET B 4 16.21 16.74 0.58
N THR B 5 15.76 17.39 -0.45
CA THR B 5 14.48 18.01 -0.42
C THR B 5 13.82 18.06 -1.84
N GLN B 6 12.65 17.41 -1.95
CA GLN B 6 12.05 17.25 -3.25
C GLN B 6 10.91 18.21 -3.44
N SER B 7 10.95 18.86 -4.60
CA SER B 7 10.34 20.16 -4.89
C SER B 7 8.83 20.24 -4.81
N PRO B 8 8.12 19.62 -5.77
CA PRO B 8 6.65 19.84 -5.77
C PRO B 8 5.96 19.10 -4.61
N GLY B 9 6.25 17.82 -4.36
CA GLY B 9 5.59 17.23 -3.21
C GLY B 9 4.33 16.46 -3.53
N THR B 10 3.39 17.08 -4.21
CA THR B 10 2.48 16.34 -5.10
C THR B 10 2.45 16.98 -6.50
N LEU B 11 1.88 16.22 -7.44
CA LEU B 11 1.80 16.68 -8.81
C LEU B 11 0.71 15.95 -9.51
N SER B 12 -0.25 16.69 -10.02
CA SER B 12 -1.31 16.06 -10.75
C SER B 12 -1.22 16.46 -12.17
N LEU B 13 -0.90 15.53 -13.05
CA LEU B 13 -0.85 15.83 -14.47
C LEU B 13 -1.68 14.86 -15.29
N SER B 14 -2.33 15.41 -16.31
CA SER B 14 -3.09 14.63 -17.26
C SER B 14 -2.19 13.75 -18.13
N PRO B 15 -2.59 12.47 -18.39
CA PRO B 15 -1.64 11.65 -19.18
C PRO B 15 -1.42 12.22 -20.58
N GLY B 16 -0.25 11.97 -21.16
CA GLY B 16 0.13 12.66 -22.37
C GLY B 16 1.11 13.80 -22.15
N GLU B 17 0.91 14.57 -21.08
CA GLU B 17 1.78 15.73 -20.79
C GLU B 17 3.16 15.49 -20.06
N ARG B 18 4.04 16.48 -20.09
CA ARG B 18 5.41 16.32 -19.56
C ARG B 18 5.40 16.59 -18.08
N ALA B 19 6.16 15.79 -17.34
CA ALA B 19 6.22 15.90 -15.93
C ALA B 19 7.68 16.23 -15.53
N THR B 20 7.81 17.15 -14.57
CA THR B 20 9.09 17.71 -14.18
C THR B 20 9.18 17.81 -12.65
N LEU B 21 10.09 16.99 -12.07
CA LEU B 21 10.26 16.94 -10.61
C LEU B 21 11.67 17.39 -10.11
N SER B 22 11.70 18.10 -8.96
CA SER B 22 12.95 18.64 -8.43
C SER B 22 13.48 17.98 -7.18
N CYS B 23 14.81 18.08 -7.00
CA CYS B 23 15.57 17.50 -5.88
C CYS B 23 16.69 18.44 -5.62
N ARG B 24 16.64 19.10 -4.46
CA ARG B 24 17.55 20.23 -4.10
C ARG B 24 18.43 19.67 -2.98
N ALA B 25 19.74 19.87 -3.12
CA ALA B 25 20.70 19.41 -2.15
C ALA B 25 21.03 20.52 -1.18
N SER B 26 21.20 20.16 0.11
CA SER B 26 21.57 21.13 1.16
C SER B 26 23.01 21.64 0.98
N GLN B 27 23.83 20.94 0.21
CA GLN B 27 25.20 21.35 -0.15
C GLN B 27 25.59 20.51 -1.36
N SER B 28 26.60 20.92 -2.10
CA SER B 28 26.78 20.28 -3.40
C SER B 28 27.04 18.79 -3.32
N VAL B 29 26.28 18.08 -4.12
CA VAL B 29 26.36 16.64 -4.32
C VAL B 29 27.05 16.22 -5.62
N SER B 30 27.40 17.19 -6.47
CA SER B 30 27.88 16.94 -7.86
C SER B 30 26.95 16.08 -8.75
N SER B 31 27.47 15.01 -9.35
CA SER B 31 26.72 14.13 -10.23
C SER B 31 26.07 13.01 -9.45
N TYR B 32 26.35 12.91 -8.17
CA TYR B 32 25.97 11.63 -7.55
C TYR B 32 24.55 11.57 -7.04
N LEU B 33 23.62 11.25 -7.95
CA LEU B 33 22.25 11.36 -7.59
C LEU B 33 21.41 10.27 -8.25
N ALA B 34 20.78 9.45 -7.39
CA ALA B 34 19.92 8.36 -7.77
C ALA B 34 18.49 8.82 -7.82
N TRP B 35 17.68 8.16 -8.63
CA TRP B 35 16.30 8.45 -8.70
C TRP B 35 15.54 7.18 -8.63
N TYR B 36 14.57 7.10 -7.73
CA TYR B 36 13.77 5.89 -7.61
C TYR B 36 12.32 6.18 -7.78
N GLN B 37 11.64 5.14 -8.27
CA GLN B 37 10.21 5.07 -8.42
C GLN B 37 9.66 3.99 -7.58
N GLN B 38 8.61 4.34 -6.84
CA GLN B 38 7.85 3.38 -6.01
C GLN B 38 6.33 3.38 -6.24
N LYS B 39 5.87 2.40 -7.03
CA LYS B 39 4.46 2.16 -7.19
C LYS B 39 4.04 1.48 -5.90
N PRO B 40 2.74 1.48 -5.57
CA PRO B 40 2.38 0.87 -4.24
C PRO B 40 1.84 -0.52 -4.41
N GLY B 41 1.92 -1.35 -3.39
CA GLY B 41 3.04 -1.35 -2.48
C GLY B 41 3.98 -2.35 -3.16
N GLN B 42 4.98 -1.83 -3.85
CA GLN B 42 6.07 -2.71 -4.26
C GLN B 42 7.50 -2.13 -3.97
N ALA B 43 8.50 -2.70 -4.62
CA ALA B 43 9.87 -2.38 -4.30
C ALA B 43 10.37 -1.25 -5.14
N PRO B 44 10.85 -0.17 -4.50
CA PRO B 44 11.42 0.93 -5.24
C PRO B 44 12.19 0.40 -6.44
N ARG B 45 12.06 1.06 -7.57
CA ARG B 45 12.78 0.68 -8.78
C ARG B 45 13.80 1.80 -9.13
N LEU B 46 15.08 1.48 -9.31
CA LEU B 46 16.04 2.52 -9.74
C LEU B 46 15.60 2.98 -11.11
N LEU B 47 15.64 4.28 -11.38
CA LEU B 47 15.24 4.77 -12.68
C LEU B 47 16.48 5.34 -13.26
N ILE B 48 17.17 6.14 -12.45
CA ILE B 48 18.24 6.98 -12.93
C ILE B 48 19.29 7.05 -11.87
N TYR B 49 20.55 6.80 -12.22
CA TYR B 49 21.71 7.03 -11.33
C TYR B 49 22.75 7.92 -11.98
N ASP B 50 23.52 8.60 -11.14
CA ASP B 50 24.37 9.68 -11.63
C ASP B 50 23.67 10.90 -12.18
N ALA B 51 22.44 11.12 -11.80
CA ALA B 51 21.74 12.25 -12.30
C ALA B 51 21.36 12.15 -13.79
N SER B 52 22.35 12.00 -14.66
CA SER B 52 22.12 12.00 -16.07
C SER B 52 21.77 10.64 -16.57
N ASN B 53 22.14 9.56 -15.85
CA ASN B 53 22.26 8.24 -16.50
C ASN B 53 21.08 7.30 -16.25
N ARG B 54 20.36 6.98 -17.32
CA ARG B 54 19.20 6.11 -17.19
C ARG B 54 19.59 4.63 -16.99
N ALA B 55 19.07 4.03 -15.90
CA ALA B 55 19.18 2.57 -15.61
C ALA B 55 18.72 1.69 -16.79
N THR B 56 19.32 0.50 -17.01
CA THR B 56 18.88 -0.41 -18.13
C THR B 56 17.44 -0.93 -18.04
N GLY B 57 16.78 -1.05 -19.18
CA GLY B 57 15.43 -1.52 -19.20
C GLY B 57 14.42 -0.53 -18.66
N ILE B 58 14.86 0.69 -18.37
CA ILE B 58 13.93 1.74 -18.06
C ILE B 58 13.51 2.45 -19.36
N PRO B 59 12.17 2.60 -19.56
CA PRO B 59 11.62 3.37 -20.68
C PRO B 59 12.29 4.72 -20.86
N ALA B 60 12.53 5.08 -22.12
CA ALA B 60 13.13 6.38 -22.52
C ALA B 60 12.45 7.71 -21.98
N ARG B 61 11.15 7.71 -21.77
CA ARG B 61 10.56 8.93 -21.28
C ARG B 61 11.18 9.43 -19.99
N PHE B 62 11.51 8.50 -19.09
CA PHE B 62 12.22 8.85 -17.88
C PHE B 62 13.61 9.34 -18.26
N SER B 63 13.93 10.55 -17.85
CA SER B 63 15.33 10.95 -17.81
C SER B 63 15.50 11.88 -16.63
N GLY B 64 16.76 12.05 -16.25
CA GLY B 64 17.12 12.94 -15.24
C GLY B 64 18.19 13.87 -15.73
N SER B 65 18.37 14.93 -14.99
CA SER B 65 19.36 15.94 -15.30
C SER B 65 19.53 16.80 -14.07
N GLY B 66 20.35 17.84 -14.25
CA GLY B 66 20.80 18.67 -13.17
C GLY B 66 22.16 18.18 -12.73
N SER B 67 22.71 18.91 -11.76
CA SER B 67 24.01 18.67 -11.25
C SER B 67 24.27 19.64 -10.15
N GLY B 68 25.26 19.33 -9.32
CA GLY B 68 25.65 20.20 -8.21
C GLY B 68 24.70 20.16 -7.03
N THR B 69 23.64 20.98 -7.08
CA THR B 69 22.62 20.98 -6.01
C THR B 69 21.15 21.07 -6.49
N GLU B 70 20.96 21.28 -7.78
CA GLU B 70 19.62 21.28 -8.34
C GLU B 70 19.52 20.17 -9.36
N PHE B 71 18.55 19.29 -9.20
CA PHE B 71 18.38 18.13 -10.07
C PHE B 71 16.90 17.95 -10.49
N THR B 72 16.66 17.41 -11.68
CA THR B 72 15.29 17.25 -12.19
C THR B 72 15.20 15.94 -12.93
N LEU B 73 14.19 15.14 -12.57
CA LEU B 73 13.77 13.97 -13.29
C LEU B 73 12.56 14.37 -14.15
N THR B 74 12.47 13.75 -15.32
CA THR B 74 11.53 14.16 -16.32
C THR B 74 10.87 12.96 -16.96
N ILE B 75 9.55 13.09 -17.18
CA ILE B 75 8.73 12.06 -17.79
C ILE B 75 8.18 12.71 -19.00
N SER B 76 8.78 12.49 -20.17
CA SER B 76 8.38 13.27 -21.32
C SER B 76 6.91 13.05 -21.64
N SER B 77 6.42 11.82 -21.67
CA SER B 77 4.96 11.70 -21.82
C SER B 77 4.22 11.05 -20.63
N LEU B 78 3.74 11.82 -19.65
CA LEU B 78 3.18 11.19 -18.48
C LEU B 78 2.28 10.14 -19.02
N GLN B 79 2.11 9.06 -18.29
CA GLN B 79 1.30 7.95 -18.76
C GLN B 79 0.69 7.18 -17.55
N SER B 80 -0.49 6.60 -17.73
CA SER B 80 -1.33 6.16 -16.62
C SER B 80 -0.60 5.22 -15.69
N GLU B 81 0.22 4.33 -16.24
CA GLU B 81 1.16 3.48 -15.47
C GLU B 81 1.92 4.25 -14.36
N ASP B 82 2.36 5.49 -14.64
CA ASP B 82 3.41 6.18 -13.89
C ASP B 82 3.05 6.77 -12.56
N PHE B 83 1.85 6.50 -12.08
CA PHE B 83 1.43 7.03 -10.78
C PHE B 83 2.19 6.30 -9.66
N ALA B 84 2.91 7.06 -8.84
CA ALA B 84 3.86 6.54 -7.82
C ALA B 84 4.47 7.67 -7.03
N VAL B 85 5.24 7.33 -5.98
CA VAL B 85 6.20 8.35 -5.46
C VAL B 85 7.62 8.21 -6.06
N TYR B 86 8.22 9.37 -6.30
CA TYR B 86 9.54 9.46 -6.84
C TYR B 86 10.58 10.01 -5.82
N TYR B 87 11.62 9.20 -5.56
CA TYR B 87 12.59 9.56 -4.54
C TYR B 87 13.90 9.84 -5.22
N CYS B 88 14.55 10.90 -4.78
CA CYS B 88 15.90 11.13 -5.17
C CYS B 88 16.73 10.83 -3.97
N GLN B 89 17.99 10.44 -4.18
CA GLN B 89 18.82 9.87 -3.12
C GLN B 89 20.25 10.36 -3.38
N GLN B 90 21.05 10.55 -2.32
CA GLN B 90 22.19 11.44 -2.42
C GLN B 90 23.59 10.92 -2.66
N TYR B 91 24.12 10.00 -1.87
CA TYR B 91 25.49 9.40 -2.17
C TYR B 91 26.80 10.15 -2.59
N ASP B 92 26.95 11.41 -2.22
CA ASP B 92 28.20 12.13 -2.38
C ASP B 92 29.09 12.02 -1.13
N LYS B 93 28.46 12.05 0.05
CA LYS B 93 29.16 11.95 1.29
C LYS B 93 28.36 10.95 2.12
N TRP B 94 28.95 10.40 3.19
CA TRP B 94 28.26 9.47 4.10
C TRP B 94 27.54 10.28 5.19
N PRO B 95 26.32 9.84 5.64
CA PRO B 95 25.50 8.71 5.20
C PRO B 95 24.71 9.00 3.95
N LEU B 96 24.14 7.93 3.34
CA LEU B 96 23.22 8.00 2.21
C LEU B 96 21.89 8.58 2.68
N THR B 97 21.35 9.54 1.91
CA THR B 97 20.13 10.24 2.27
C THR B 97 19.15 10.38 1.10
N PHE B 98 17.87 10.40 1.42
CA PHE B 98 16.81 10.37 0.38
C PHE B 98 16.00 11.63 0.39
N GLY B 99 15.24 11.82 -0.65
CA GLY B 99 14.32 12.94 -0.68
C GLY B 99 13.03 12.64 0.05
N GLY B 100 12.04 13.49 -0.10
CA GLY B 100 10.80 13.23 0.59
C GLY B 100 9.83 12.45 -0.23
N GLY B 101 10.08 12.40 -1.52
CA GLY B 101 9.12 11.87 -2.46
C GLY B 101 8.22 12.96 -3.01
N THR B 102 7.95 12.90 -4.32
CA THR B 102 6.88 13.65 -4.90
C THR B 102 5.97 12.57 -5.36
N LYS B 103 4.68 12.68 -4.99
CA LYS B 103 3.64 11.74 -5.40
C LYS B 103 3.15 12.32 -6.68
N VAL B 104 3.05 11.48 -7.68
CA VAL B 104 2.58 11.92 -8.98
C VAL B 104 1.25 11.25 -9.23
N GLU B 105 0.20 12.06 -9.41
CA GLU B 105 -1.13 11.55 -9.69
C GLU B 105 -1.62 11.90 -11.09
N ILE B 106 -2.19 10.93 -11.78
CA ILE B 106 -2.64 11.13 -13.14
C ILE B 106 -4.02 11.73 -13.28
N LYS B 107 -4.05 13.04 -13.48
CA LYS B 107 -5.28 13.76 -13.69
C LYS B 107 -6.03 13.23 -14.93
N ARG B 108 -7.21 12.66 -14.71
CA ARG B 108 -8.08 12.24 -15.83
C ARG B 108 -9.40 13.00 -15.77
N THR B 109 -10.31 12.65 -16.69
CA THR B 109 -11.54 13.45 -16.91
C THR B 109 -12.59 13.05 -15.89
N VAL B 110 -13.56 13.91 -15.61
CA VAL B 110 -14.49 13.64 -14.51
C VAL B 110 -15.17 12.28 -14.69
N ALA B 111 -15.22 11.51 -13.60
CA ALA B 111 -15.87 10.21 -13.57
C ALA B 111 -16.73 10.15 -12.33
N ALA B 112 -18.04 9.97 -12.46
CA ALA B 112 -18.92 9.85 -11.27
C ALA B 112 -18.99 8.46 -10.62
N PRO B 113 -19.09 8.37 -9.26
CA PRO B 113 -19.07 7.03 -8.61
C PRO B 113 -20.34 6.18 -8.81
N SER B 114 -20.20 4.91 -9.19
CA SER B 114 -21.36 4.03 -9.04
C SER B 114 -21.44 3.54 -7.60
N VAL B 115 -22.47 3.97 -6.83
CA VAL B 115 -22.57 3.72 -5.39
C VAL B 115 -23.38 2.51 -4.98
N PHE B 116 -22.82 1.60 -4.21
CA PHE B 116 -23.59 0.41 -3.81
C PHE B 116 -23.78 0.35 -2.29
N ILE B 117 -24.64 -0.55 -1.80
CA ILE B 117 -24.82 -0.61 -0.34
C ILE B 117 -24.95 -2.06 0.09
N PHE B 118 -24.27 -2.42 1.17
CA PHE B 118 -24.27 -3.78 1.62
C PHE B 118 -24.76 -3.82 3.05
N PRO B 119 -25.97 -4.37 3.29
CA PRO B 119 -26.39 -4.68 4.64
C PRO B 119 -25.63 -5.89 5.29
N PRO B 120 -25.57 -5.92 6.61
CA PRO B 120 -24.85 -6.66 7.58
C PRO B 120 -24.69 -8.14 7.48
N SER B 121 -25.70 -8.94 7.18
CA SER B 121 -25.35 -10.37 6.93
C SER B 121 -25.67 -11.42 7.94
N ASP B 122 -26.23 -11.10 9.08
CA ASP B 122 -26.86 -12.22 9.83
C ASP B 122 -25.82 -12.89 10.68
N GLU B 123 -24.93 -13.58 9.97
CA GLU B 123 -23.78 -14.21 10.50
C GLU B 123 -23.01 -13.19 11.34
N GLN B 124 -22.79 -12.01 10.78
CA GLN B 124 -22.09 -10.98 11.53
C GLN B 124 -22.91 -10.63 12.76
N LEU B 125 -24.22 -10.67 12.57
CA LEU B 125 -25.17 -10.26 13.61
C LEU B 125 -25.22 -11.28 14.73
N LYS B 126 -25.29 -12.55 14.34
CA LYS B 126 -25.06 -13.67 15.26
C LYS B 126 -24.00 -13.26 16.29
N SER B 127 -22.80 -12.88 15.84
CA SER B 127 -21.76 -12.36 16.77
C SER B 127 -21.84 -10.86 17.16
N GLY B 128 -22.77 -10.49 18.03
CA GLY B 128 -22.80 -9.13 18.57
C GLY B 128 -23.19 -7.89 17.74
N THR B 129 -22.43 -7.52 16.70
CA THR B 129 -22.56 -6.19 16.01
C THR B 129 -22.89 -6.23 14.52
N ALA B 130 -23.03 -5.04 13.92
CA ALA B 130 -23.44 -4.87 12.50
C ALA B 130 -22.61 -3.82 11.71
N SER B 131 -21.99 -4.24 10.60
CA SER B 131 -21.40 -3.30 9.64
C SER B 131 -22.24 -3.12 8.39
N VAL B 132 -22.53 -1.88 8.08
CA VAL B 132 -23.16 -1.52 6.83
C VAL B 132 -22.10 -0.87 5.95
N VAL B 133 -21.81 -1.54 4.85
CA VAL B 133 -20.80 -1.10 3.91
C VAL B 133 -21.38 -0.23 2.76
N CYS B 134 -20.72 0.87 2.46
CA CYS B 134 -21.15 1.67 1.34
C CYS B 134 -19.97 1.77 0.34
N LEU B 135 -20.13 1.22 -0.86
CA LEU B 135 -19.09 1.26 -1.86
C LEU B 135 -19.31 2.35 -2.94
N LEU B 136 -18.24 3.07 -3.19
CA LEU B 136 -18.16 4.04 -4.28
C LEU B 136 -17.12 3.57 -5.27
N ASN B 137 -17.52 3.43 -6.51
CA ASN B 137 -16.72 2.69 -7.43
C ASN B 137 -16.44 3.46 -8.68
N ASN B 138 -15.14 3.64 -8.93
CA ASN B 138 -14.66 4.12 -10.21
C ASN B 138 -14.93 5.58 -10.50
N PHE B 139 -14.39 6.44 -9.69
CA PHE B 139 -14.63 7.83 -9.92
C PHE B 139 -13.31 8.59 -10.06
N TYR B 140 -13.41 9.83 -10.50
CA TYR B 140 -12.31 10.75 -10.48
C TYR B 140 -12.98 12.11 -10.49
N PRO B 141 -12.50 13.07 -9.64
CA PRO B 141 -11.35 12.97 -8.82
C PRO B 141 -11.69 12.45 -7.44
N ARG B 142 -10.70 12.51 -6.56
CA ARG B 142 -10.72 11.70 -5.36
C ARG B 142 -11.65 12.24 -4.27
N GLU B 143 -11.92 13.54 -4.26
CA GLU B 143 -12.71 14.13 -3.14
C GLU B 143 -14.11 13.59 -3.25
N ALA B 144 -14.67 13.17 -2.13
CA ALA B 144 -16.07 12.71 -2.09
C ALA B 144 -16.61 12.83 -0.69
N LYS B 145 -17.72 13.54 -0.51
CA LYS B 145 -18.41 13.53 0.78
C LYS B 145 -19.12 12.19 0.84
N VAL B 146 -19.33 11.63 2.04
CA VAL B 146 -20.21 10.46 2.25
C VAL B 146 -20.83 10.66 3.63
N GLN B 147 -22.12 10.99 3.74
CA GLN B 147 -22.74 10.89 5.07
C GLN B 147 -23.64 9.66 5.19
N TRP B 148 -23.74 9.19 6.43
CA TRP B 148 -24.66 8.13 6.78
C TRP B 148 -25.86 8.71 7.48
N LYS B 149 -26.96 8.04 7.27
CA LYS B 149 -28.23 8.39 7.87
C LYS B 149 -28.91 7.08 8.30
N VAL B 150 -29.72 7.20 9.33
CA VAL B 150 -30.42 6.06 9.86
C VAL B 150 -31.78 6.60 10.27
N ASP B 151 -32.79 6.25 9.46
CA ASP B 151 -34.13 6.83 9.55
C ASP B 151 -33.95 8.31 9.43
N ASN B 152 -33.37 8.73 8.33
CA ASN B 152 -33.12 10.15 8.09
C ASN B 152 -32.33 10.91 9.18
N ALA B 153 -31.78 10.21 10.18
CA ALA B 153 -30.91 10.84 11.20
C ALA B 153 -29.41 10.99 10.79
N LEU B 154 -28.88 12.22 10.78
CA LEU B 154 -27.46 12.39 10.39
C LEU B 154 -26.50 11.75 11.41
N GLN B 155 -25.71 10.79 10.99
CA GLN B 155 -24.82 10.12 11.92
C GLN B 155 -23.52 10.86 12.09
N SER B 156 -22.98 10.92 13.30
CA SER B 156 -21.54 11.16 13.40
C SER B 156 -20.91 10.08 14.25
N GLY B 157 -21.56 8.90 14.18
CA GLY B 157 -21.23 7.64 14.91
C GLY B 157 -21.76 6.34 14.28
N ASN B 158 -20.87 5.53 13.72
CA ASN B 158 -19.54 5.95 13.42
C ASN B 158 -18.95 5.13 12.29
N SER B 159 -18.59 5.85 11.23
CA SER B 159 -17.99 5.27 10.05
C SER B 159 -16.50 5.50 10.04
N GLN B 160 -15.84 4.69 9.19
CA GLN B 160 -14.47 4.87 8.78
C GLN B 160 -14.38 4.58 7.29
N GLU B 161 -13.97 5.58 6.51
CA GLU B 161 -13.80 5.40 5.08
C GLU B 161 -12.42 4.81 4.74
N SER B 162 -12.25 4.31 3.51
CA SER B 162 -10.96 3.94 2.97
C SER B 162 -11.00 4.03 1.43
N VAL B 163 -9.99 4.67 0.81
CA VAL B 163 -9.88 4.70 -0.66
C VAL B 163 -8.70 3.90 -1.24
N THR B 164 -8.91 3.34 -2.41
CA THR B 164 -7.88 2.61 -3.14
C THR B 164 -6.79 3.54 -3.77
N GLU B 165 -5.85 2.91 -4.46
CA GLU B 165 -4.77 3.61 -5.15
C GLU B 165 -5.28 3.86 -6.53
N GLN B 166 -4.78 4.90 -7.17
CA GLN B 166 -5.27 5.22 -8.51
C GLN B 166 -5.12 3.96 -9.37
N ASP B 167 -6.13 3.65 -10.16
CA ASP B 167 -5.95 2.60 -11.13
C ASP B 167 -4.89 3.03 -12.15
N SER B 168 -3.91 2.16 -12.34
CA SER B 168 -3.00 2.31 -13.45
C SER B 168 -3.73 2.20 -14.82
N LYS B 169 -4.83 1.46 -14.91
CA LYS B 169 -5.50 1.38 -16.19
C LYS B 169 -6.25 2.71 -16.43
N ASP B 170 -7.41 2.84 -15.78
CA ASP B 170 -8.36 3.92 -16.04
C ASP B 170 -8.32 5.08 -15.05
N SER B 171 -7.26 5.15 -14.26
CA SER B 171 -6.96 6.25 -13.32
C SER B 171 -8.01 6.63 -12.29
N THR B 172 -9.04 5.79 -12.13
CA THR B 172 -10.19 6.04 -11.25
C THR B 172 -9.87 5.57 -9.84
N TYR B 173 -10.61 6.02 -8.84
CA TYR B 173 -10.42 5.57 -7.45
C TYR B 173 -11.67 4.89 -6.99
N SER B 174 -11.59 4.03 -5.98
CA SER B 174 -12.81 3.55 -5.32
C SER B 174 -12.80 3.83 -3.81
N LEU B 175 -13.96 3.98 -3.20
CA LEU B 175 -14.01 4.28 -1.80
C LEU B 175 -15.02 3.38 -1.14
N SER B 176 -14.85 3.14 0.15
CA SER B 176 -15.85 2.43 0.91
C SER B 176 -15.99 2.93 2.35
N SER B 177 -17.19 3.42 2.70
CA SER B 177 -17.52 3.80 4.08
C SER B 177 -18.08 2.62 4.75
N THR B 178 -17.93 2.56 6.08
CA THR B 178 -18.55 1.49 6.87
C THR B 178 -19.23 1.99 8.11
N LEU B 179 -20.56 2.13 8.06
CA LEU B 179 -21.30 2.51 9.25
C LEU B 179 -21.23 1.31 10.13
N THR B 180 -20.75 1.50 11.36
CA THR B 180 -20.70 0.38 12.27
C THR B 180 -21.43 0.67 13.57
N LEU B 181 -22.53 -0.06 13.78
CA LEU B 181 -23.28 -0.08 15.03
C LEU B 181 -23.55 -1.48 15.58
N SER B 182 -23.74 -1.55 16.88
CA SER B 182 -24.08 -2.80 17.59
C SER B 182 -25.37 -3.42 17.05
N LYS B 183 -25.50 -4.74 17.12
CA LYS B 183 -26.70 -5.40 16.63
C LYS B 183 -27.91 -4.86 17.37
N ALA B 184 -27.72 -4.67 18.67
CA ALA B 184 -28.73 -4.07 19.53
C ALA B 184 -29.40 -2.91 18.79
N ASP B 185 -28.61 -1.88 18.46
CA ASP B 185 -29.00 -0.64 17.72
C ASP B 185 -29.49 -0.78 16.26
N TYR B 186 -28.87 -1.70 15.54
CA TYR B 186 -29.26 -1.98 14.19
C TYR B 186 -30.71 -2.37 14.08
N GLU B 187 -31.22 -3.05 15.09
CA GLU B 187 -32.62 -3.45 15.07
C GLU B 187 -33.56 -2.30 15.47
N LYS B 188 -32.98 -1.21 15.97
CA LYS B 188 -33.79 -0.10 16.50
C LYS B 188 -34.27 0.85 15.41
N HIS B 189 -33.92 0.55 14.18
CA HIS B 189 -34.09 1.51 13.12
C HIS B 189 -34.38 0.86 11.80
N LYS B 190 -35.17 1.59 11.04
CA LYS B 190 -36.02 1.06 9.94
C LYS B 190 -35.26 1.22 8.62
N VAL B 191 -34.76 2.42 8.36
CA VAL B 191 -34.10 2.75 7.08
C VAL B 191 -32.57 3.12 7.14
N TYR B 192 -31.76 2.47 6.27
CA TYR B 192 -30.27 2.68 6.20
C TYR B 192 -29.74 3.36 4.94
N ALA B 193 -29.53 4.67 5.03
CA ALA B 193 -29.11 5.47 3.89
C ALA B 193 -27.64 5.81 3.95
N CYS B 194 -26.95 5.83 2.82
CA CYS B 194 -25.66 6.51 2.71
C CYS B 194 -25.82 7.47 1.55
N GLU B 195 -25.38 8.73 1.72
CA GLU B 195 -25.52 9.76 0.68
C GLU B 195 -24.18 10.36 0.23
N VAL B 196 -23.99 10.39 -1.07
CA VAL B 196 -22.71 10.71 -1.65
C VAL B 196 -22.77 12.01 -2.42
N THR B 197 -21.88 12.97 -2.08
CA THR B 197 -21.63 14.15 -2.90
C THR B 197 -20.30 13.97 -3.66
N HIS B 198 -20.28 14.25 -4.97
CA HIS B 198 -19.05 14.08 -5.78
C HIS B 198 -19.23 14.97 -6.98
N GLN B 199 -18.12 15.58 -7.38
CA GLN B 199 -18.09 16.59 -8.43
C GLN B 199 -18.64 16.22 -9.77
N GLY B 200 -18.49 14.94 -10.09
CA GLY B 200 -18.98 14.35 -11.32
C GLY B 200 -20.46 14.06 -11.37
N LEU B 201 -21.14 14.36 -10.26
CA LEU B 201 -22.59 14.21 -10.08
C LEU B 201 -23.26 15.58 -10.19
N SER B 202 -24.39 15.70 -10.87
CA SER B 202 -25.09 16.99 -10.93
C SER B 202 -25.56 17.42 -9.53
N SER B 203 -25.92 16.45 -8.70
CA SER B 203 -26.45 16.66 -7.35
C SER B 203 -26.14 15.40 -6.50
N PRO B 204 -26.54 15.39 -5.19
CA PRO B 204 -26.09 14.20 -4.45
C PRO B 204 -26.96 12.97 -4.67
N VAL B 205 -26.52 11.83 -4.16
CA VAL B 205 -27.09 10.51 -4.44
C VAL B 205 -27.23 9.63 -3.15
N THR B 206 -28.42 9.10 -2.92
CA THR B 206 -28.62 8.21 -1.77
C THR B 206 -28.76 6.76 -2.21
N LYS B 207 -28.35 5.86 -1.34
CA LYS B 207 -28.57 4.45 -1.56
C LYS B 207 -29.08 3.99 -0.23
N SER B 208 -30.25 3.36 -0.24
CA SER B 208 -30.79 2.88 1.01
C SER B 208 -31.35 1.49 0.92
N PHE B 209 -31.79 1.01 2.08
CA PHE B 209 -32.47 -0.25 2.21
C PHE B 209 -33.14 -0.23 3.56
N ASN B 210 -34.09 -1.14 3.76
CA ASN B 210 -34.83 -1.20 5.02
C ASN B 210 -34.54 -2.48 5.81
N ARG B 211 -34.52 -2.41 7.14
CA ARG B 211 -34.73 -3.58 8.05
C ARG B 211 -33.83 -3.73 9.34
S SO4 C . 22.21 8.33 10.54
O1 SO4 C . 23.08 9.18 11.33
O2 SO4 C . 21.18 7.84 11.45
O3 SO4 C . 21.66 9.15 9.47
O4 SO4 C . 22.98 7.25 9.92
S SO4 D . 29.85 2.20 12.13
O1 SO4 D . 29.08 2.79 13.24
O2 SO4 D . 29.44 2.77 10.85
O3 SO4 D . 31.24 2.57 12.37
O4 SO4 D . 29.66 0.75 12.13
S SO4 E . 8.66 2.63 22.76
O1 SO4 E . 7.30 2.43 23.26
O2 SO4 E . 8.76 3.61 21.66
O3 SO4 E . 9.46 3.10 23.89
O4 SO4 E . 9.11 1.32 22.32
S SO4 F . 6.52 0.78 -17.53
O1 SO4 F . 7.10 1.66 -16.52
O2 SO4 F . 5.07 1.00 -17.44
O3 SO4 F . 7.01 1.08 -18.87
O4 SO4 F . 6.87 -0.60 -17.23
#